data_5G2X
#
_entry.id   5G2X
#
_cell.length_a   1.000
_cell.length_b   1.000
_cell.length_c   1.000
_cell.angle_alpha   90.00
_cell.angle_beta   90.00
_cell.angle_gamma   90.00
#
_symmetry.space_group_name_H-M   'P 1'
#
loop_
_entity.id
_entity.type
_entity.pdbx_description
1 polymer 'GROUP II INTRON'
2 polymer "5'-R(*CP*AP*CP*AP*UP*CP*CP*AP*UP*AP*AP*CP)-3'"
3 polymer 'GROUP II INTRON-ENCODED PROTEIN LTRA'
#
loop_
_entity_poly.entity_id
_entity_poly.type
_entity_poly.pdbx_seq_one_letter_code
_entity_poly.pdbx_strand_id
1 'polyribonucleotide'
;GUGCGCCCAGAUAGGGUGUUAAGUCAAGUAGUUUAAGGUACUACUCUGUAAGAUAACACAGAAAACAGCCAACCUAACCG
AAAAGCGAAAGCUGAUACGGGAACAGAGCACGGUUGGAAAGCGAUGAGUUACCUAAAGACAAUCGGGUACGACUGAGUCG
CAAUGUUAAUCAGAUAUAAGGUAUAAGUUGUGUUUACUGAACGCAAGUUUCUAAUUUCGGUUAUGUGUCGAUAGAGGAAA
GUGUCUGAAACCUCUAGUACAAAGAAAGGUAAGUUAUGGUUGUGGACUUAUCUGUUAUCACCACAUUUGUACAAUCUGUA
GGAGAACCUAUGGGAACGAAACGAAAGCGAUGCCGAGAAUCUGAAUUUACCAAGACUUAACACUAACUGGGGAUACCCUA
AACAAGAAUGCCUAAAGGAGGAAAAAGGCUAUAGCACUAGAGCUUGAAAAUCUUGCAAGGGUACGGAGUACUCGUAGUAG
UCUGAGAAGGGUAACGCCCUUUACAUGGCAAAGGGGUACAGUUAUUGUGUACUAAAAUUAAAAAUUGAUUAGGGAGGAAA
ACCUCAAACCAACAAUGGCAAUUUUAGACAAUAACAGAGCCGUAUACUCCGAGAGGGGUACGUACGGUUCCCGAAGAGGG
UGGUGCAAACCAGUCACAGUAAUGUGAACAAGGCGGUACCUCCCUACUUCACCACAUCCAUAAC
;
A
2 'polyribonucleotide' CACAUCCAUAAC B
3 'polypeptide(L)'
;MKPTMAILERISKNSQENIDEVFTRLYRYLLRPDIYYVAYQNLYSNKGASTKGILDDTADGFSEEKIKKIIQSLKDGTYY
PQPVRRMYIAKKNSKKMRPLGIPTFTDKLIQEAVRIILESIYEPVFEDVSHGFRPQRSCHTALKTIKREFGGARWFVEGD
IKGCFDNIDHVTLIGLINLKIKDMKMSQLIYKFLKAGYLENWQYHKTYSGTPQGGILSPLLANIYLHELDKFVLQLKMKF
DRESPERITPEYRELHNEIKRISHRLKKLEGEEKAKVLLEYQEKRKRLPTLPCTSQTNKVLKYVRYADDFIISVKGSKED
CQWIKEQLKLFIHNKLKMELSEEKTLITHSSQPARFLGYDIRVRRSGTIKRSGKVKKRTLNGSVELLIPLQDKIRQFIFD
KKIAIQKKDSSWFPVHRKYLIRSTDLEIITIYNSELRGICNYYGLASNFNQLNYFAYLMEYSCLKTIASKHKGTLSKTIS
MFKDGSGSWGIPYEIKQGKQRRYFANFSECKSPYQFTDEISQAPVLYGYARNTLENRLKAKCCELCGTSDENTSYEIHHV
NKVKNLKGKEKWEMAMIAKQRKTLVVCFHCHRHVIHKHK
;
C
#
loop_
_chem_comp.id
_chem_comp.type
_chem_comp.name
_chem_comp.formula
A RNA linking ADENOSINE-5'-MONOPHOSPHATE 'C10 H14 N5 O7 P'
C RNA linking CYTIDINE-5'-MONOPHOSPHATE 'C9 H14 N3 O8 P'
G RNA linking GUANOSINE-5'-MONOPHOSPHATE 'C10 H14 N5 O8 P'
U RNA linking URIDINE-5'-MONOPHOSPHATE 'C9 H13 N2 O9 P'
#
# COMPACT_ATOMS: atom_id res chain seq x y z
N THR C 4 -8.28 -15.27 -28.75
CA THR C 4 -7.33 -14.48 -27.98
C THR C 4 -7.84 -13.06 -27.79
N MET C 5 -6.92 -12.14 -27.50
CA MET C 5 -7.27 -10.75 -27.29
C MET C 5 -6.74 -9.87 -28.41
N ALA C 6 -7.05 -10.23 -29.65
CA ALA C 6 -6.61 -9.47 -30.81
C ALA C 6 -7.53 -8.32 -31.16
N ILE C 7 -8.69 -8.21 -30.50
CA ILE C 7 -9.61 -7.12 -30.81
C ILE C 7 -9.11 -5.80 -30.23
N LEU C 8 -8.58 -5.83 -29.00
CA LEU C 8 -8.09 -4.61 -28.37
C LEU C 8 -6.83 -4.10 -29.05
N GLU C 9 -6.03 -4.99 -29.63
CA GLU C 9 -4.81 -4.57 -30.32
C GLU C 9 -5.09 -3.68 -31.52
N ARG C 10 -6.23 -3.86 -32.18
CA ARG C 10 -6.60 -3.06 -33.35
C ARG C 10 -7.48 -1.87 -33.00
N ILE C 11 -7.39 -1.37 -31.76
CA ILE C 11 -8.15 -0.23 -31.30
C ILE C 11 -7.25 0.89 -30.80
N SER C 12 -6.35 0.58 -29.87
CA SER C 12 -5.43 1.58 -29.35
C SER C 12 -4.30 1.90 -30.30
N LYS C 13 -4.02 1.03 -31.28
CA LYS C 13 -2.96 1.31 -32.24
C LYS C 13 -3.43 2.31 -33.29
N ASN C 14 -4.62 2.09 -33.86
CA ASN C 14 -5.16 3.00 -34.86
C ASN C 14 -5.68 4.28 -34.20
N SER C 15 -6.74 4.16 -33.41
CA SER C 15 -7.37 5.26 -32.67
C SER C 15 -7.89 6.37 -33.57
N GLN C 16 -7.96 6.14 -34.88
CA GLN C 16 -8.46 7.13 -35.84
C GLN C 16 -7.70 8.45 -35.72
N GLU C 17 -6.38 8.35 -35.58
CA GLU C 17 -5.55 9.55 -35.42
C GLU C 17 -5.45 10.29 -36.74
N ASN C 18 -5.74 11.59 -36.71
CA ASN C 18 -5.68 12.40 -37.92
C ASN C 18 -4.88 13.73 -37.86
N ILE C 19 -4.96 14.63 -36.86
CA ILE C 19 -5.72 14.63 -35.59
C ILE C 19 -5.42 13.45 -34.68
N ASP C 20 -4.27 13.49 -34.01
CA ASP C 20 -3.86 12.42 -33.12
C ASP C 20 -4.61 12.52 -31.79
N GLU C 21 -5.24 11.41 -31.39
CA GLU C 21 -6.00 11.38 -30.15
C GLU C 21 -5.09 11.05 -28.97
N VAL C 22 -5.41 9.97 -28.25
CA VAL C 22 -4.72 9.48 -27.06
C VAL C 22 -4.24 10.60 -26.15
N PHE C 23 -3.18 10.35 -25.39
CA PHE C 23 -2.64 11.35 -24.47
C PHE C 23 -1.19 11.02 -24.12
N THR C 24 -0.27 11.92 -24.47
CA THR C 24 -0.60 13.17 -25.13
C THR C 24 -0.47 13.03 -26.65
N ARG C 25 -0.14 14.14 -27.31
CA ARG C 25 0.02 14.16 -28.76
C ARG C 25 1.14 15.10 -29.20
N LEU C 26 2.01 15.51 -28.27
CA LEU C 26 3.13 16.39 -28.59
C LEU C 26 4.48 15.83 -28.21
N TYR C 27 4.56 14.93 -27.23
CA TYR C 27 5.83 14.34 -26.83
C TYR C 27 5.75 12.82 -26.73
N ARG C 28 5.12 12.18 -27.71
CA ARG C 28 4.98 10.72 -27.75
C ARG C 28 4.84 10.30 -29.21
N TYR C 29 5.96 9.97 -29.83
CA TYR C 29 5.96 9.54 -31.23
C TYR C 29 6.90 8.36 -31.42
N LEU C 30 8.16 8.50 -30.99
CA LEU C 30 9.11 7.41 -31.14
C LEU C 30 8.91 6.35 -30.06
N LEU C 31 8.54 6.77 -28.84
CA LEU C 31 8.31 5.86 -27.74
C LEU C 31 6.90 5.28 -27.73
N ARG C 32 6.12 5.49 -28.79
CA ARG C 32 4.75 4.98 -28.86
C ARG C 32 4.71 3.52 -29.31
N PRO C 33 5.38 3.13 -30.40
CA PRO C 33 5.30 1.71 -30.82
C PRO C 33 6.09 0.76 -29.93
N ASP C 34 6.78 1.26 -28.90
CA ASP C 34 7.52 0.37 -28.00
C ASP C 34 6.58 -0.47 -27.15
N ILE C 35 5.37 0.03 -26.89
CA ILE C 35 4.41 -0.72 -26.09
C ILE C 35 3.81 -1.86 -26.91
N TYR C 36 3.58 -1.64 -28.20
CA TYR C 36 3.00 -2.68 -29.04
C TYR C 36 3.93 -3.87 -29.21
N TYR C 37 5.24 -3.64 -29.11
CA TYR C 37 6.19 -4.76 -29.22
C TYR C 37 6.10 -5.68 -28.01
N VAL C 38 5.88 -5.12 -26.82
CA VAL C 38 5.73 -5.94 -25.63
C VAL C 38 4.36 -6.61 -25.61
N ALA C 39 3.32 -5.91 -26.07
CA ALA C 39 1.97 -6.47 -26.09
C ALA C 39 1.80 -7.44 -27.26
N TYR C 40 2.65 -8.47 -27.30
CA TYR C 40 2.61 -9.45 -28.38
C TYR C 40 3.25 -10.75 -27.95
N GLN C 41 4.30 -10.67 -27.14
CA GLN C 41 4.99 -11.86 -26.63
C GLN C 41 5.04 -11.92 -25.10
N ASN C 42 4.46 -10.95 -24.40
CA ASN C 42 4.52 -10.91 -22.94
C ASN C 42 3.13 -10.97 -22.31
N LEU C 43 2.26 -10.02 -22.60
CA LEU C 43 0.91 -9.99 -22.04
C LEU C 43 -0.13 -10.54 -22.99
N TYR C 44 0.29 -11.18 -24.08
CA TYR C 44 -0.64 -11.73 -25.06
C TYR C 44 -1.51 -12.90 -24.53
N SER C 45 -0.95 -13.94 -23.89
CA SER C 45 0.47 -14.13 -23.63
C SER C 45 1.02 -15.31 -24.42
N ASN C 46 1.18 -16.45 -23.75
CA ASN C 46 1.68 -17.65 -24.40
C ASN C 46 0.69 -18.33 -25.36
N LYS C 47 -0.57 -18.61 -24.97
CA LYS C 47 -1.15 -18.33 -23.66
C LYS C 47 -1.22 -19.60 -22.82
N GLY C 48 -0.97 -19.46 -21.51
CA GLY C 48 -1.01 -20.59 -20.61
C GLY C 48 -2.41 -21.11 -20.32
N ALA C 49 -2.61 -22.00 -19.34
CA ALA C 49 -1.61 -22.59 -18.42
C ALA C 49 -0.82 -21.55 -17.62
N SER C 50 0.50 -21.54 -17.84
CA SER C 50 1.39 -20.65 -17.10
C SER C 50 1.15 -19.21 -17.53
N THR C 51 0.33 -18.49 -16.78
CA THR C 51 0.06 -17.09 -17.04
C THR C 51 -0.06 -16.31 -15.74
N LYS C 52 -1.29 -16.12 -15.26
CA LYS C 52 -1.54 -15.42 -14.01
C LYS C 52 -2.63 -16.16 -13.24
N GLY C 53 -2.51 -16.17 -11.91
CA GLY C 53 -3.47 -16.84 -11.06
C GLY C 53 -3.39 -16.33 -9.65
N ILE C 54 -4.37 -16.71 -8.84
CA ILE C 54 -4.41 -16.29 -7.44
C ILE C 54 -3.35 -17.04 -6.64
N LEU C 55 -3.19 -18.33 -6.88
CA LEU C 55 -2.19 -19.13 -6.17
C LEU C 55 -0.80 -18.76 -6.66
N ASP C 56 -0.01 -18.13 -5.78
CA ASP C 56 1.35 -17.70 -6.10
C ASP C 56 1.37 -16.77 -7.31
N ASP C 57 1.50 -17.35 -8.50
CA ASP C 57 1.55 -16.56 -9.72
C ASP C 57 1.18 -17.40 -10.94
N THR C 58 1.66 -18.64 -10.97
CA THR C 58 1.38 -19.54 -12.08
C THR C 58 0.04 -20.21 -11.89
N ALA C 59 -0.79 -20.17 -12.93
CA ALA C 59 -2.12 -20.78 -12.87
C ALA C 59 -2.03 -22.28 -13.14
N ASP C 60 -3.19 -22.92 -13.27
CA ASP C 60 -3.25 -24.35 -13.52
C ASP C 60 -3.43 -24.62 -15.00
N GLY C 61 -3.70 -25.88 -15.34
CA GLY C 61 -3.90 -26.28 -16.72
C GLY C 61 -5.36 -26.14 -17.15
N PHE C 62 -5.55 -25.62 -18.35
CA PHE C 62 -6.89 -25.41 -18.90
C PHE C 62 -6.88 -25.78 -20.37
N SER C 63 -8.07 -25.89 -20.95
CA SER C 63 -8.24 -26.16 -22.37
C SER C 63 -8.25 -24.88 -23.21
N GLU C 64 -7.69 -23.79 -22.68
CA GLU C 64 -7.60 -22.50 -23.36
C GLU C 64 -8.98 -21.94 -23.75
N GLU C 65 -9.70 -21.36 -22.79
CA GLU C 65 -9.34 -21.38 -21.36
C GLU C 65 -10.59 -21.33 -20.47
N LYS C 66 -11.35 -22.43 -20.39
CA LYS C 66 -11.10 -23.63 -21.17
C LYS C 66 -11.86 -23.57 -22.50
N ILE C 67 -13.05 -23.01 -22.45
CA ILE C 67 -13.89 -22.88 -23.63
C ILE C 67 -14.19 -21.42 -23.99
N LYS C 68 -14.07 -20.48 -23.05
CA LYS C 68 -14.41 -19.10 -23.33
C LYS C 68 -13.45 -18.47 -24.34
N LYS C 69 -12.16 -18.82 -24.25
CA LYS C 69 -11.18 -18.25 -25.16
C LYS C 69 -11.29 -18.83 -26.56
N ILE C 70 -11.98 -19.98 -26.72
CA ILE C 70 -12.19 -20.53 -28.06
C ILE C 70 -13.10 -19.62 -28.87
N ILE C 71 -14.20 -19.18 -28.29
CA ILE C 71 -15.12 -18.25 -28.94
C ILE C 71 -15.07 -16.93 -28.20
N GLN C 72 -13.99 -16.17 -28.40
CA GLN C 72 -13.81 -14.90 -27.71
C GLN C 72 -14.20 -13.69 -28.56
N SER C 73 -13.98 -13.76 -29.87
CA SER C 73 -14.33 -12.63 -30.73
C SER C 73 -15.83 -12.42 -30.87
N LEU C 74 -16.63 -13.40 -30.47
CA LEU C 74 -18.09 -13.30 -30.54
C LEU C 74 -18.69 -12.99 -29.17
N LYS C 75 -18.17 -11.94 -28.52
CA LYS C 75 -18.63 -11.48 -27.20
C LYS C 75 -18.44 -12.64 -26.22
N ASP C 76 -19.50 -13.19 -25.63
CA ASP C 76 -19.44 -14.30 -24.68
C ASP C 76 -18.65 -13.93 -23.42
N GLY C 77 -19.37 -13.73 -22.31
CA GLY C 77 -20.81 -13.88 -22.29
C GLY C 77 -21.57 -12.56 -22.38
N THR C 78 -22.88 -12.66 -22.57
CA THR C 78 -23.72 -11.48 -22.69
C THR C 78 -24.87 -11.50 -21.69
N TYR C 79 -24.86 -10.56 -20.74
CA TYR C 79 -23.81 -9.56 -20.65
C TYR C 79 -22.92 -9.81 -19.43
N TYR C 80 -22.92 -11.06 -18.96
CA TYR C 80 -22.16 -11.50 -17.79
C TYR C 80 -22.59 -10.71 -16.56
N PRO C 81 -23.57 -11.21 -15.79
CA PRO C 81 -24.05 -10.46 -14.62
C PRO C 81 -22.98 -10.32 -13.54
N GLN C 82 -22.87 -11.33 -12.68
CA GLN C 82 -21.93 -11.37 -11.55
C GLN C 82 -22.25 -10.24 -10.57
N PRO C 83 -22.92 -10.54 -9.46
CA PRO C 83 -23.30 -9.50 -8.51
C PRO C 83 -22.08 -8.93 -7.79
N VAL C 84 -22.28 -7.76 -7.19
CA VAL C 84 -21.22 -7.04 -6.47
C VAL C 84 -21.67 -6.87 -5.03
N ARG C 85 -20.85 -7.36 -4.10
CA ARG C 85 -21.13 -7.28 -2.67
C ARG C 85 -20.15 -6.33 -1.99
N ARG C 86 -20.49 -5.96 -0.76
CA ARG C 86 -19.65 -5.06 0.01
C ARG C 86 -18.46 -5.82 0.58
N MET C 87 -17.25 -5.34 0.28
CA MET C 87 -16.04 -6.00 0.75
C MET C 87 -14.89 -4.99 0.75
N TYR C 88 -14.21 -4.87 1.88
CA TYR C 88 -13.06 -3.98 2.00
C TYR C 88 -12.06 -4.60 2.95
N ILE C 89 -10.81 -4.72 2.52
CA ILE C 89 -9.73 -5.31 3.32
C ILE C 89 -8.95 -4.18 3.97
N ALA C 90 -8.74 -4.28 5.27
CA ALA C 90 -7.99 -3.29 6.03
C ALA C 90 -6.58 -3.80 6.28
N LYS C 91 -5.60 -2.93 6.06
CA LYS C 91 -4.19 -3.27 6.25
C LYS C 91 -3.73 -2.91 7.66
N LYS C 92 -2.60 -3.50 8.06
CA LYS C 92 -2.05 -3.22 9.37
C LYS C 92 -1.39 -1.85 9.42
N ASN C 93 -0.77 -1.42 8.33
CA ASN C 93 -0.13 -0.11 8.26
C ASN C 93 -0.61 0.61 7.01
N SER C 94 -0.56 1.94 7.06
CA SER C 94 -0.99 2.81 5.97
C SER C 94 -2.46 2.57 5.62
N LYS C 95 -3.36 3.39 6.17
CA LYS C 95 -4.78 3.26 5.93
C LYS C 95 -5.11 3.42 4.45
N LYS C 96 -4.92 2.36 3.67
CA LYS C 96 -5.23 2.36 2.24
C LYS C 96 -6.04 1.11 1.94
N MET C 97 -7.33 1.30 1.70
CA MET C 97 -8.22 0.16 1.44
C MET C 97 -7.92 -0.43 0.07
N ARG C 98 -7.46 -1.68 0.04
CA ARG C 98 -7.15 -2.39 -1.18
C ARG C 98 -8.00 -3.66 -1.22
N PRO C 99 -9.26 -3.55 -1.61
CA PRO C 99 -10.15 -4.72 -1.62
C PRO C 99 -9.85 -5.64 -2.80
N LEU C 100 -10.50 -6.80 -2.78
CA LEU C 100 -10.35 -7.79 -3.84
C LEU C 100 -11.70 -8.13 -4.46
N GLY C 101 -12.12 -9.38 -4.34
CA GLY C 101 -13.39 -9.80 -4.90
C GLY C 101 -13.54 -11.30 -4.82
N ILE C 102 -14.68 -11.77 -5.31
CA ILE C 102 -14.98 -13.20 -5.32
C ILE C 102 -14.06 -13.88 -6.33
N PRO C 103 -13.36 -14.96 -5.94
CA PRO C 103 -12.48 -15.65 -6.88
C PRO C 103 -13.29 -16.33 -7.98
N THR C 104 -13.01 -15.95 -9.23
CA THR C 104 -13.71 -16.48 -10.39
C THR C 104 -12.73 -16.62 -11.54
N PHE C 105 -12.85 -17.74 -12.27
CA PHE C 105 -11.96 -17.97 -13.41
C PHE C 105 -12.16 -16.92 -14.50
N THR C 106 -13.36 -16.38 -14.62
CA THR C 106 -13.61 -15.34 -15.62
C THR C 106 -12.97 -14.02 -15.23
N ASP C 107 -12.84 -13.76 -13.91
CA ASP C 107 -12.27 -12.50 -13.46
C ASP C 107 -10.79 -12.40 -13.83
N LYS C 108 -10.06 -13.51 -13.79
CA LYS C 108 -8.65 -13.50 -14.16
C LYS C 108 -8.42 -13.33 -15.65
N LEU C 109 -9.44 -13.56 -16.48
CA LEU C 109 -9.29 -13.38 -17.91
C LEU C 109 -9.29 -11.91 -18.32
N ILE C 110 -9.79 -11.03 -17.45
CA ILE C 110 -9.83 -9.60 -17.77
C ILE C 110 -8.54 -8.90 -17.40
N GLN C 111 -7.68 -9.50 -16.58
CA GLN C 111 -6.43 -8.88 -16.19
C GLN C 111 -5.50 -8.70 -17.38
N GLU C 112 -5.52 -9.65 -18.33
CA GLU C 112 -4.68 -9.54 -19.51
C GLU C 112 -5.16 -8.46 -20.47
N ALA C 113 -6.41 -8.00 -20.32
CA ALA C 113 -6.95 -6.96 -21.20
C ALA C 113 -6.73 -5.56 -20.66
N VAL C 114 -6.71 -5.38 -19.34
CA VAL C 114 -6.51 -4.06 -18.75
C VAL C 114 -5.05 -3.66 -18.70
N ARG C 115 -4.13 -4.59 -18.97
CA ARG C 115 -2.70 -4.25 -18.93
C ARG C 115 -2.30 -3.36 -20.09
N ILE C 116 -3.01 -3.46 -21.22
CA ILE C 116 -2.73 -2.59 -22.36
C ILE C 116 -3.09 -1.15 -22.03
N ILE C 117 -4.14 -0.95 -21.24
CA ILE C 117 -4.53 0.40 -20.84
C ILE C 117 -3.52 0.99 -19.86
N LEU C 118 -3.01 0.17 -18.94
CA LEU C 118 -2.06 0.67 -17.95
C LEU C 118 -0.72 1.02 -18.59
N GLU C 119 -0.24 0.19 -19.51
CA GLU C 119 1.06 0.45 -20.13
C GLU C 119 0.99 1.61 -21.12
N SER C 120 -0.19 1.92 -21.64
CA SER C 120 -0.34 3.02 -22.58
C SER C 120 -0.43 4.38 -21.89
N ILE C 121 -0.51 4.41 -20.57
CA ILE C 121 -0.61 5.67 -19.83
C ILE C 121 0.61 5.80 -18.92
N TYR C 122 1.18 4.67 -18.51
CA TYR C 122 2.34 4.69 -17.63
C TYR C 122 3.57 5.30 -18.30
N GLU C 123 3.56 5.42 -19.62
CA GLU C 123 4.69 6.01 -20.33
C GLU C 123 4.23 6.98 -21.42
N PRO C 124 4.55 8.27 -21.24
CA PRO C 124 5.25 8.81 -20.08
C PRO C 124 4.32 9.60 -19.15
N VAL C 125 3.01 9.39 -19.28
CA VAL C 125 2.02 10.17 -18.55
C VAL C 125 1.98 9.74 -17.09
N PHE C 126 1.36 8.58 -16.84
CA PHE C 126 1.19 8.11 -15.47
C PHE C 126 2.54 7.73 -14.85
N GLU C 127 2.73 8.11 -13.59
CA GLU C 127 3.97 7.86 -12.89
C GLU C 127 3.67 7.14 -11.57
N ASP C 128 4.49 6.12 -11.27
CA ASP C 128 4.42 5.37 -10.02
C ASP C 128 3.08 4.64 -9.89
N VAL C 129 3.08 3.34 -10.16
CA VAL C 129 1.88 2.53 -9.94
C VAL C 129 1.56 2.48 -8.46
N SER C 130 0.27 2.61 -8.13
CA SER C 130 -0.23 2.67 -6.76
C SER C 130 0.36 3.86 -6.02
N HIS C 131 -0.40 4.96 -5.97
CA HIS C 131 -0.03 6.22 -5.33
C HIS C 131 1.38 6.68 -5.69
N GLY C 132 1.95 7.56 -4.89
CA GLY C 132 3.27 8.10 -5.16
C GLY C 132 3.24 9.31 -6.06
N PHE C 133 4.44 9.74 -6.45
CA PHE C 133 4.58 10.90 -7.33
C PHE C 133 5.59 10.61 -8.43
N ARG C 134 6.86 10.48 -8.06
CA ARG C 134 7.89 10.19 -9.05
C ARG C 134 7.79 8.73 -9.51
N PRO C 135 8.05 8.47 -10.79
CA PRO C 135 7.94 7.09 -11.30
C PRO C 135 9.15 6.26 -10.90
N GLN C 136 8.89 5.13 -10.22
CA GLN C 136 9.95 4.20 -9.87
C GLN C 136 9.54 2.78 -10.22
N ARG C 137 9.97 1.80 -9.42
CA ARG C 137 9.63 0.41 -9.63
C ARG C 137 9.06 -0.25 -8.38
N SER C 138 8.70 0.53 -7.37
CA SER C 138 8.16 -0.03 -6.13
C SER C 138 6.99 0.81 -5.63
N CYS C 139 6.85 0.92 -4.32
CA CYS C 139 5.77 1.69 -3.71
C CYS C 139 6.24 2.54 -2.54
N HIS C 140 7.28 2.11 -1.83
CA HIS C 140 7.80 2.85 -0.69
C HIS C 140 9.00 3.72 -1.05
N THR C 141 9.42 3.74 -2.32
CA THR C 141 10.57 4.55 -2.72
C THR C 141 10.19 6.00 -2.95
N ALA C 142 8.90 6.31 -3.05
CA ALA C 142 8.43 7.68 -3.27
C ALA C 142 7.83 8.29 -2.02
N LEU C 143 7.97 7.63 -0.87
CA LEU C 143 7.41 8.12 0.39
C LEU C 143 8.47 8.54 1.39
N LYS C 144 9.76 8.50 1.02
CA LYS C 144 10.82 8.85 1.97
C LYS C 144 11.80 9.85 1.34
N THR C 145 11.95 9.80 0.02
CA THR C 145 12.87 10.69 -0.68
C THR C 145 12.22 11.98 -1.15
N ILE C 146 10.92 11.95 -1.50
CA ILE C 146 10.25 13.15 -1.99
C ILE C 146 9.97 14.11 -0.84
N LYS C 147 9.70 13.57 0.35
CA LYS C 147 9.38 14.42 1.50
C LYS C 147 10.59 15.18 2.02
N ARG C 148 11.80 14.77 1.63
CA ARG C 148 13.01 15.45 2.09
C ARG C 148 13.65 16.23 0.93
N GLU C 149 12.87 17.06 0.26
CA GLU C 149 13.37 17.86 -0.85
C GLU C 149 13.05 19.33 -0.65
N PHE C 150 11.79 19.70 -0.89
CA PHE C 150 11.35 21.08 -0.75
C PHE C 150 10.85 21.29 0.68
N GLY C 151 10.01 22.30 0.90
CA GLY C 151 9.48 22.58 2.22
C GLY C 151 10.16 23.75 2.90
N GLY C 152 10.15 24.91 2.24
CA GLY C 152 10.77 26.09 2.79
C GLY C 152 9.83 26.93 3.62
N ALA C 153 8.54 26.92 3.26
CA ALA C 153 7.52 27.68 3.97
C ALA C 153 6.71 26.81 4.93
N ARG C 154 7.29 25.70 5.40
CA ARG C 154 6.68 24.74 6.32
C ARG C 154 5.19 24.50 6.03
N TRP C 155 4.42 24.23 7.08
CA TRP C 155 2.99 23.96 6.99
C TRP C 155 2.70 22.67 6.23
N PHE C 156 1.45 22.21 6.28
CA PHE C 156 1.05 20.99 5.60
C PHE C 156 -0.47 20.95 5.50
N VAL C 157 -0.96 20.05 4.64
CA VAL C 157 -2.38 19.86 4.43
C VAL C 157 -2.69 18.38 4.63
N GLU C 158 -3.65 18.09 5.50
CA GLU C 158 -4.04 16.72 5.80
C GLU C 158 -5.16 16.28 4.85
N GLY C 159 -5.98 15.33 5.28
CA GLY C 159 -7.08 14.86 4.45
C GLY C 159 -8.29 14.59 5.32
N ASP C 160 -9.46 14.53 4.66
CA ASP C 160 -10.72 14.28 5.33
C ASP C 160 -11.36 13.06 4.69
N ILE C 161 -12.25 13.22 3.72
CA ILE C 161 -12.92 12.08 3.09
C ILE C 161 -12.02 11.53 2.00
N LYS C 162 -12.45 10.44 1.37
CA LYS C 162 -11.69 9.81 0.30
C LYS C 162 -11.81 10.62 -0.98
N GLY C 163 -12.80 10.30 -1.80
CA GLY C 163 -13.03 10.98 -3.04
C GLY C 163 -12.91 10.15 -4.30
N CYS C 164 -13.02 8.82 -4.21
CA CYS C 164 -12.91 7.95 -5.36
C CYS C 164 -13.68 6.66 -5.14
N PHE C 165 -13.70 6.17 -3.90
CA PHE C 165 -14.38 4.94 -3.55
C PHE C 165 -15.82 5.17 -3.09
N ASP C 166 -16.05 6.19 -2.26
CA ASP C 166 -17.39 6.47 -1.76
C ASP C 166 -18.25 7.09 -2.85
N ASN C 167 -18.22 8.42 -2.96
CA ASN C 167 -19.02 9.13 -3.96
C ASN C 167 -18.38 8.93 -5.32
N ILE C 168 -19.08 8.22 -6.21
CA ILE C 168 -18.61 7.94 -7.55
C ILE C 168 -19.61 8.52 -8.55
N ASP C 169 -19.09 9.26 -9.53
CA ASP C 169 -19.94 9.89 -10.54
C ASP C 169 -20.39 8.91 -11.62
N HIS C 170 -19.86 7.69 -11.63
CA HIS C 170 -20.25 6.65 -12.58
C HIS C 170 -19.96 7.06 -14.02
N VAL C 171 -20.66 8.09 -14.51
CA VAL C 171 -20.48 8.51 -15.90
C VAL C 171 -19.08 9.08 -16.12
N THR C 172 -18.58 9.86 -15.15
CA THR C 172 -17.25 10.45 -15.30
C THR C 172 -16.16 9.39 -15.22
N LEU C 173 -16.40 8.30 -14.48
CA LEU C 173 -15.39 7.24 -14.37
C LEU C 173 -15.16 6.56 -15.71
N ILE C 174 -16.21 6.44 -16.52
CA ILE C 174 -16.11 5.79 -17.83
C ILE C 174 -15.91 6.85 -18.91
N GLY C 175 -16.52 8.01 -18.71
CA GLY C 175 -16.43 9.10 -19.67
C GLY C 175 -15.08 9.78 -19.74
N LEU C 176 -14.10 9.34 -18.96
CA LEU C 176 -12.76 9.92 -18.97
C LEU C 176 -11.74 9.03 -19.67
N ILE C 177 -11.86 7.71 -19.53
CA ILE C 177 -10.93 6.80 -20.16
C ILE C 177 -11.17 6.73 -21.66
N ASN C 178 -12.44 6.81 -22.09
CA ASN C 178 -12.77 6.71 -23.50
C ASN C 178 -12.28 7.89 -24.32
N LEU C 179 -11.88 8.99 -23.67
CA LEU C 179 -11.38 10.16 -24.39
C LEU C 179 -10.01 9.92 -25.01
N LYS C 180 -9.31 8.83 -24.65
CA LYS C 180 -8.00 8.53 -25.20
C LYS C 180 -7.88 7.14 -25.78
N ILE C 181 -8.91 6.30 -25.66
CA ILE C 181 -8.88 4.93 -26.18
C ILE C 181 -9.99 4.71 -27.20
N LYS C 182 -11.21 5.13 -26.87
CA LYS C 182 -12.34 4.97 -27.77
C LYS C 182 -12.18 5.87 -28.98
N ASP C 183 -12.35 5.30 -30.18
CA ASP C 183 -12.21 6.07 -31.40
C ASP C 183 -13.47 6.89 -31.68
N MET C 184 -13.27 8.01 -32.38
CA MET C 184 -14.40 8.87 -32.73
C MET C 184 -15.29 8.24 -33.79
N LYS C 185 -14.76 7.33 -34.60
CA LYS C 185 -15.53 6.64 -35.62
C LYS C 185 -15.22 5.15 -35.56
N MET C 186 -16.26 4.32 -35.63
CA MET C 186 -16.16 2.87 -35.61
C MET C 186 -15.45 2.39 -34.34
N SER C 187 -16.21 2.47 -33.24
CA SER C 187 -15.70 2.05 -31.93
C SER C 187 -16.89 1.74 -31.04
N GLN C 188 -17.06 0.46 -30.70
CA GLN C 188 -18.20 0.09 -29.85
C GLN C 188 -17.97 -1.20 -29.06
N LEU C 189 -16.73 -1.67 -28.92
CA LEU C 189 -16.46 -2.89 -28.19
C LEU C 189 -15.49 -2.64 -27.04
N ILE C 190 -15.76 -1.62 -26.23
CA ILE C 190 -14.87 -1.25 -25.14
C ILE C 190 -15.64 -1.18 -23.83
N TYR C 191 -16.58 -0.23 -23.75
CA TYR C 191 -17.31 0.05 -22.51
C TYR C 191 -18.56 -0.81 -22.36
N LYS C 192 -18.64 -1.94 -23.05
CA LYS C 192 -19.80 -2.82 -22.92
C LYS C 192 -19.64 -3.82 -21.77
N PHE C 193 -18.42 -4.03 -21.28
CA PHE C 193 -18.18 -4.96 -20.19
C PHE C 193 -17.81 -4.27 -18.88
N LEU C 194 -17.69 -2.95 -18.88
CA LEU C 194 -17.34 -2.22 -17.65
C LEU C 194 -18.56 -1.94 -16.78
N LYS C 195 -19.76 -1.88 -17.37
CA LYS C 195 -20.98 -1.61 -16.63
C LYS C 195 -21.67 -2.89 -16.13
N ALA C 196 -21.00 -4.04 -16.21
CA ALA C 196 -21.58 -5.28 -15.76
C ALA C 196 -21.50 -5.48 -14.25
N GLY C 197 -20.72 -4.65 -13.55
CA GLY C 197 -20.59 -4.77 -12.11
C GLY C 197 -21.65 -4.01 -11.35
N TYR C 198 -22.91 -4.39 -11.53
CA TYR C 198 -24.02 -3.74 -10.85
C TYR C 198 -24.04 -4.16 -9.38
N LEU C 199 -23.89 -3.19 -8.49
CA LEU C 199 -23.88 -3.47 -7.06
C LEU C 199 -25.28 -3.83 -6.57
N GLU C 200 -25.33 -4.66 -5.55
CA GLU C 200 -26.59 -5.13 -4.97
C GLU C 200 -26.63 -4.72 -3.50
N ASN C 201 -27.29 -3.59 -3.22
CA ASN C 201 -27.43 -3.11 -1.85
C ASN C 201 -28.75 -2.37 -1.64
N TRP C 202 -29.79 -2.77 -2.37
CA TRP C 202 -31.12 -2.13 -2.29
C TRP C 202 -31.02 -0.64 -2.62
N GLN C 203 -30.33 -0.32 -3.71
CA GLN C 203 -30.15 1.06 -4.15
C GLN C 203 -29.76 1.07 -5.62
N TYR C 204 -30.21 2.09 -6.33
CA TYR C 204 -29.97 2.19 -7.78
C TYR C 204 -28.62 2.86 -8.03
N HIS C 205 -27.58 2.03 -8.07
CA HIS C 205 -26.24 2.49 -8.39
C HIS C 205 -25.50 1.40 -9.15
N LYS C 206 -24.44 1.80 -9.85
CA LYS C 206 -23.66 0.88 -10.67
C LYS C 206 -22.21 1.34 -10.71
N THR C 207 -21.31 0.49 -10.23
CA THR C 207 -19.86 0.72 -10.29
C THR C 207 -19.40 1.94 -9.50
N TYR C 208 -18.68 1.72 -8.40
CA TYR C 208 -18.31 0.38 -7.95
C TYR C 208 -18.33 0.30 -6.42
N SER C 209 -18.46 -0.90 -5.88
CA SER C 209 -18.46 -1.11 -4.44
C SER C 209 -18.18 -2.56 -4.09
N GLY C 210 -17.00 -3.05 -4.43
CA GLY C 210 -16.62 -4.43 -4.16
C GLY C 210 -15.13 -4.68 -4.16
N THR C 211 -14.61 -5.17 -5.28
CA THR C 211 -15.42 -5.46 -6.46
C THR C 211 -15.26 -6.92 -6.89
N PRO C 212 -16.31 -7.73 -6.71
CA PRO C 212 -16.26 -9.11 -7.19
C PRO C 212 -16.09 -9.22 -8.70
N GLN C 213 -16.54 -8.21 -9.45
CA GLN C 213 -16.36 -8.23 -10.90
C GLN C 213 -14.89 -8.11 -11.27
N GLY C 214 -14.12 -7.31 -10.53
CA GLY C 214 -12.71 -7.14 -10.79
C GLY C 214 -11.90 -6.85 -9.54
N GLY C 215 -11.28 -7.88 -8.98
CA GLY C 215 -10.48 -7.71 -7.78
C GLY C 215 -9.25 -6.85 -8.01
N ILE C 216 -8.36 -7.30 -8.90
CA ILE C 216 -7.17 -6.52 -9.22
C ILE C 216 -7.50 -5.36 -10.15
N LEU C 217 -8.64 -5.41 -10.84
CA LEU C 217 -9.01 -4.34 -11.77
C LEU C 217 -9.38 -3.04 -11.04
N SER C 218 -9.79 -3.12 -9.78
CA SER C 218 -10.19 -1.91 -9.07
C SER C 218 -9.01 -1.01 -8.73
N PRO C 219 -7.91 -1.50 -8.15
CA PRO C 219 -6.77 -0.59 -7.87
C PRO C 219 -6.12 -0.05 -9.13
N LEU C 220 -6.21 -0.77 -10.25
CA LEU C 220 -5.59 -0.29 -11.48
C LEU C 220 -6.35 0.87 -12.10
N LEU C 221 -7.67 0.87 -12.02
CA LEU C 221 -8.48 1.94 -12.61
C LEU C 221 -8.68 3.11 -11.66
N ALA C 222 -8.50 2.91 -10.35
CA ALA C 222 -8.67 4.01 -9.39
C ALA C 222 -7.57 5.05 -9.49
N ASN C 223 -6.37 4.66 -9.91
CA ASN C 223 -5.25 5.60 -10.04
C ASN C 223 -5.31 6.40 -11.33
N ILE C 224 -5.92 5.87 -12.39
CA ILE C 224 -6.00 6.60 -13.64
C ILE C 224 -7.06 7.68 -13.56
N TYR C 225 -8.20 7.38 -12.91
CA TYR C 225 -9.27 8.35 -12.78
C TYR C 225 -8.89 9.54 -11.91
N LEU C 226 -7.99 9.34 -10.94
CA LEU C 226 -7.59 10.42 -10.05
C LEU C 226 -6.42 11.24 -10.59
N HIS C 227 -5.51 10.60 -11.34
CA HIS C 227 -4.35 11.32 -11.86
C HIS C 227 -4.69 12.12 -13.12
N GLU C 228 -5.64 11.63 -13.92
CA GLU C 228 -6.00 12.34 -15.14
C GLU C 228 -6.72 13.64 -14.85
N LEU C 229 -7.56 13.68 -13.82
CA LEU C 229 -8.27 14.91 -13.48
C LEU C 229 -7.36 15.98 -12.93
N ASP C 230 -6.18 15.61 -12.41
CA ASP C 230 -5.22 16.58 -11.91
C ASP C 230 -4.42 17.25 -13.01
N LYS C 231 -4.54 16.80 -14.25
CA LYS C 231 -3.80 17.43 -15.35
C LYS C 231 -4.33 18.82 -15.65
N PHE C 232 -5.67 18.99 -15.60
CA PHE C 232 -6.25 20.30 -15.83
C PHE C 232 -6.07 21.22 -14.64
N VAL C 233 -5.67 20.69 -13.48
CA VAL C 233 -5.42 21.51 -12.30
C VAL C 233 -4.02 22.10 -12.27
N LEU C 234 -3.10 21.53 -13.04
CA LEU C 234 -1.72 22.00 -13.05
C LEU C 234 -1.57 23.43 -13.55
N GLN C 235 -2.60 23.97 -14.22
CA GLN C 235 -2.54 25.33 -14.71
C GLN C 235 -2.62 26.37 -13.59
N LEU C 236 -3.08 25.99 -12.40
CA LEU C 236 -3.20 26.91 -11.28
C LEU C 236 -2.16 26.69 -10.20
N LYS C 237 -1.65 25.47 -10.03
CA LYS C 237 -0.65 25.21 -9.01
C LYS C 237 0.74 25.65 -9.44
N MET C 238 1.06 25.54 -10.74
CA MET C 238 2.37 25.97 -11.22
C MET C 238 2.50 27.48 -11.19
N LYS C 239 1.40 28.21 -11.34
CA LYS C 239 1.40 29.66 -11.29
C LYS C 239 1.21 30.19 -9.87
N PHE C 240 1.04 29.33 -8.88
CA PHE C 240 0.84 29.75 -7.50
C PHE C 240 2.15 29.84 -6.72
N ASP C 241 3.15 29.03 -7.08
CA ASP C 241 4.43 29.05 -6.39
C ASP C 241 5.40 30.03 -7.03
N ARG C 242 5.00 31.30 -7.09
CA ARG C 242 5.84 32.34 -7.66
C ARG C 242 6.56 33.13 -6.57
N GLU C 243 5.82 34.01 -5.89
CA GLU C 243 6.40 34.83 -4.83
C GLU C 243 6.32 34.16 -3.46
N SER C 244 5.66 33.01 -3.36
CA SER C 244 5.55 32.31 -2.09
C SER C 244 6.86 31.64 -1.66
N PRO C 245 7.59 30.92 -2.54
CA PRO C 245 8.85 30.33 -2.11
C PRO C 245 9.97 31.36 -1.93
N GLU C 246 9.86 32.52 -2.57
CA GLU C 246 10.88 33.57 -2.46
C GLU C 246 10.55 34.62 -1.41
N ARG C 247 9.44 34.46 -0.70
CA ARG C 247 9.08 35.44 0.33
C ARG C 247 9.93 35.27 1.58
N ILE C 248 10.14 34.03 2.02
CA ILE C 248 10.96 33.77 3.19
C ILE C 248 12.43 33.65 2.82
N THR C 249 12.73 32.88 1.79
CA THR C 249 14.11 32.71 1.33
C THR C 249 14.57 33.91 0.51
N PRO C 250 15.82 34.36 0.72
CA PRO C 250 16.77 33.79 1.68
C PRO C 250 16.56 34.32 3.10
N GLU C 251 17.10 33.60 4.08
CA GLU C 251 16.98 33.99 5.48
C GLU C 251 17.82 35.23 5.78
N LYS C 302 5.11 22.04 -5.33
CA LYS C 302 5.17 20.62 -4.96
C LYS C 302 3.80 20.12 -4.51
N TYR C 303 3.24 19.18 -5.27
CA TYR C 303 1.93 18.60 -4.98
C TYR C 303 2.04 17.09 -5.13
N VAL C 304 2.20 16.40 -4.00
CA VAL C 304 2.32 14.94 -3.98
C VAL C 304 0.95 14.34 -3.70
N ARG C 305 0.51 13.43 -4.55
CA ARG C 305 -0.79 12.78 -4.41
C ARG C 305 -0.62 11.37 -3.84
N TYR C 306 -1.72 10.85 -3.29
CA TYR C 306 -1.72 9.51 -2.71
C TYR C 306 -2.94 8.72 -3.18
N ALA C 307 -3.55 7.97 -2.27
CA ALA C 307 -4.73 7.18 -2.58
C ALA C 307 -6.01 7.84 -2.09
N ASP C 308 -6.04 8.30 -0.85
CA ASP C 308 -7.21 8.95 -0.28
C ASP C 308 -6.94 10.35 0.29
N ASP C 309 -5.68 10.73 0.48
CA ASP C 309 -5.33 12.03 1.02
C ASP C 309 -4.37 12.75 0.08
N PHE C 310 -4.22 14.05 0.31
CA PHE C 310 -3.34 14.88 -0.49
C PHE C 310 -2.61 15.88 0.40
N ILE C 311 -1.43 16.30 -0.04
CA ILE C 311 -0.63 17.27 0.67
C ILE C 311 -0.27 18.41 -0.28
N ILE C 312 -0.05 19.59 0.29
CA ILE C 312 0.31 20.79 -0.47
C ILE C 312 1.53 21.41 0.18
N SER C 313 2.64 21.43 -0.55
CA SER C 313 3.88 22.02 -0.06
C SER C 313 4.08 23.41 -0.63
N VAL C 314 5.06 24.12 -0.07
CA VAL C 314 5.39 25.49 -0.46
C VAL C 314 4.16 26.37 -0.32
N LYS C 315 3.91 26.86 0.89
CA LYS C 315 2.74 27.69 1.16
C LYS C 315 3.17 29.09 1.61
N GLY C 316 2.42 29.68 2.53
CA GLY C 316 2.74 31.01 3.03
C GLY C 316 2.35 32.13 2.09
N SER C 317 1.53 33.06 2.58
CA SER C 317 1.02 33.00 3.95
C SER C 317 -0.43 32.55 3.96
N LYS C 318 -1.15 32.91 5.03
CA LYS C 318 -2.55 32.54 5.14
C LYS C 318 -3.41 33.29 4.13
N GLU C 319 -2.98 34.48 3.72
CA GLU C 319 -3.74 35.24 2.73
C GLU C 319 -3.74 34.55 1.37
N ASP C 320 -2.71 33.76 1.08
CA ASP C 320 -2.64 33.02 -0.17
C ASP C 320 -3.32 31.66 -0.11
N CYS C 321 -3.64 31.17 1.09
CA CYS C 321 -4.31 29.89 1.24
C CYS C 321 -5.81 29.96 1.03
N GLN C 322 -6.36 31.15 0.75
CA GLN C 322 -7.80 31.27 0.52
C GLN C 322 -8.20 30.63 -0.80
N TRP C 323 -7.28 30.55 -1.77
CA TRP C 323 -7.58 29.93 -3.05
C TRP C 323 -7.55 28.42 -3.00
N ILE C 324 -7.07 27.82 -1.90
CA ILE C 324 -7.03 26.37 -1.80
C ILE C 324 -8.43 25.80 -1.62
N LYS C 325 -9.23 26.41 -0.75
CA LYS C 325 -10.59 25.95 -0.49
C LYS C 325 -11.59 26.52 -1.47
N GLU C 326 -11.13 27.19 -2.53
CA GLU C 326 -12.02 27.77 -3.54
C GLU C 326 -11.73 27.23 -4.93
N GLN C 327 -10.47 27.23 -5.36
CA GLN C 327 -10.15 26.72 -6.69
C GLN C 327 -10.27 25.21 -6.74
N LEU C 328 -9.84 24.51 -5.69
CA LEU C 328 -9.94 23.06 -5.65
C LEU C 328 -11.34 22.58 -5.29
N LYS C 329 -12.17 23.45 -4.70
CA LYS C 329 -13.53 23.04 -4.34
C LYS C 329 -14.44 23.03 -5.56
N LEU C 330 -14.27 23.99 -6.48
CA LEU C 330 -15.10 24.03 -7.67
C LEU C 330 -14.77 22.89 -8.62
N PHE C 331 -13.54 22.40 -8.61
CA PHE C 331 -13.17 21.29 -9.48
C PHE C 331 -13.76 19.98 -8.99
N ILE C 332 -13.91 19.81 -7.67
CA ILE C 332 -14.48 18.59 -7.13
C ILE C 332 -15.99 18.60 -7.24
N HIS C 333 -16.62 19.75 -6.96
CA HIS C 333 -18.07 19.84 -7.02
C HIS C 333 -18.60 19.72 -8.44
N ASN C 334 -17.78 20.03 -9.45
CA ASN C 334 -18.21 19.93 -10.84
C ASN C 334 -17.90 18.57 -11.44
N LYS C 335 -16.70 18.06 -11.21
CA LYS C 335 -16.29 16.76 -11.76
C LYS C 335 -16.68 15.61 -10.83
N LEU C 336 -16.12 15.59 -9.62
CA LEU C 336 -16.43 14.51 -8.68
C LEU C 336 -17.84 14.65 -8.11
N LYS C 337 -18.32 15.88 -7.96
CA LYS C 337 -19.65 16.17 -7.41
C LYS C 337 -19.81 15.56 -6.01
N MET C 338 -19.07 16.14 -5.08
CA MET C 338 -19.08 15.69 -3.69
C MET C 338 -18.74 16.86 -2.79
N GLU C 339 -19.56 17.08 -1.76
CA GLU C 339 -19.32 18.17 -0.83
C GLU C 339 -18.13 17.85 0.07
N LEU C 340 -17.25 18.83 0.25
CA LEU C 340 -16.08 18.65 1.09
C LEU C 340 -16.46 18.66 2.56
N SER C 341 -15.60 18.03 3.37
CA SER C 341 -15.80 17.95 4.81
C SER C 341 -14.94 18.98 5.52
N GLU C 342 -15.53 19.65 6.51
CA GLU C 342 -14.89 20.70 7.32
C GLU C 342 -13.96 21.57 6.47
N GLU C 343 -14.49 22.07 5.36
CA GLU C 343 -13.81 23.01 4.48
C GLU C 343 -12.58 22.44 3.81
N LYS C 344 -12.06 21.32 4.32
CA LYS C 344 -10.90 20.64 3.75
C LYS C 344 -9.64 21.51 3.72
N THR C 345 -8.77 21.35 4.71
CA THR C 345 -8.97 20.40 5.81
C THR C 345 -8.82 21.09 7.16
N LEU C 346 -9.16 22.38 7.20
CA LEU C 346 -8.97 23.21 8.39
C LEU C 346 -7.51 23.27 8.80
N ILE C 347 -6.79 24.29 8.32
CA ILE C 347 -5.37 24.41 8.61
C ILE C 347 -5.18 24.68 10.11
N THR C 348 -4.45 23.78 10.77
CA THR C 348 -4.22 23.94 12.20
C THR C 348 -3.16 25.00 12.50
N HIS C 349 -2.24 25.23 11.56
CA HIS C 349 -1.16 26.20 11.67
C HIS C 349 -0.50 26.27 13.07
N SER C 350 0.48 25.40 13.31
CA SER C 350 0.96 24.45 12.31
C SER C 350 1.29 23.10 12.95
N SER C 351 2.30 23.11 13.83
CA SER C 351 2.75 21.89 14.48
C SER C 351 1.73 21.42 15.50
N GLN C 352 1.18 20.23 15.31
CA GLN C 352 0.21 19.66 16.23
C GLN C 352 0.17 18.14 16.06
N PRO C 353 0.27 17.38 17.15
CA PRO C 353 0.26 15.91 17.04
C PRO C 353 -1.09 15.38 16.58
N ALA C 354 -1.39 15.49 15.30
CA ALA C 354 -2.63 15.00 14.72
C ALA C 354 -2.40 13.64 14.06
N ARG C 355 -3.46 13.10 13.46
CA ARG C 355 -3.42 11.80 12.82
C ARG C 355 -3.48 11.98 11.31
N PHE C 356 -2.45 11.49 10.62
CA PHE C 356 -2.40 11.57 9.16
C PHE C 356 -1.49 10.46 8.66
N LEU C 357 -2.08 9.40 8.10
CA LEU C 357 -1.35 8.27 7.54
C LEU C 357 -0.41 7.66 8.57
N GLY C 358 0.74 8.28 8.79
CA GLY C 358 1.71 7.78 9.73
C GLY C 358 3.04 8.51 9.67
N TYR C 359 3.15 9.45 8.74
CA TYR C 359 4.37 10.25 8.56
C TYR C 359 4.03 11.69 8.93
N ASP C 360 4.23 12.03 10.20
CA ASP C 360 3.96 13.39 10.69
C ASP C 360 5.11 14.30 10.27
N ILE C 361 4.85 15.19 9.32
CA ILE C 361 5.86 16.12 8.84
C ILE C 361 6.05 17.22 9.88
N ARG C 362 7.20 17.21 10.55
CA ARG C 362 7.49 18.20 11.59
C ARG C 362 7.77 19.55 10.92
N VAL C 363 6.80 20.45 10.98
CA VAL C 363 6.95 21.77 10.37
C VAL C 363 7.27 22.81 11.44
N VAL C 375 7.01 11.01 25.73
CA VAL C 375 8.34 11.00 25.17
C VAL C 375 8.99 9.60 25.33
N LYS C 376 8.75 8.63 24.43
CA LYS C 376 7.95 8.68 23.19
C LYS C 376 8.38 9.76 22.19
N LYS C 377 7.54 10.78 22.02
CA LYS C 377 7.77 11.79 20.99
C LYS C 377 9.08 12.53 21.24
N ARG C 378 9.50 13.30 20.23
CA ARG C 378 10.73 14.08 20.32
C ARG C 378 10.67 15.16 19.25
N THR C 379 10.54 16.42 19.68
CA THR C 379 10.46 17.55 18.76
C THR C 379 11.84 17.83 18.19
N LEU C 380 12.02 17.53 16.91
CA LEU C 380 13.28 17.77 16.22
C LEU C 380 13.02 18.55 14.95
N ASN C 381 13.57 19.76 14.87
CA ASN C 381 13.39 20.63 13.72
C ASN C 381 14.73 21.32 13.41
N GLY C 382 14.77 21.98 12.25
CA GLY C 382 15.97 22.67 11.83
C GLY C 382 15.81 23.39 10.51
N SER C 383 16.73 23.15 9.58
CA SER C 383 16.68 23.78 8.27
C SER C 383 15.95 22.90 7.25
N VAL C 384 16.32 21.63 7.15
CA VAL C 384 15.68 20.71 6.23
C VAL C 384 14.43 20.13 6.87
N GLU C 385 13.69 19.32 6.12
CA GLU C 385 12.48 18.68 6.61
C GLU C 385 12.71 17.18 6.79
N LEU C 386 12.37 16.68 7.96
CA LEU C 386 12.51 15.27 8.29
C LEU C 386 11.13 14.67 8.57
N LEU C 387 11.13 13.44 9.09
CA LEU C 387 9.90 12.72 9.38
C LEU C 387 9.95 12.20 10.81
N ILE C 388 8.90 12.46 11.58
CA ILE C 388 8.80 12.01 12.95
C ILE C 388 7.56 11.13 13.08
N PRO C 389 7.67 9.90 13.57
CA PRO C 389 6.49 9.04 13.73
C PRO C 389 5.60 9.54 14.86
N LEU C 390 4.31 9.70 14.56
CA LEU C 390 3.36 10.16 15.55
C LEU C 390 2.95 9.01 16.48
N GLN C 391 2.14 9.34 17.47
CA GLN C 391 1.70 8.38 18.47
C GLN C 391 0.26 7.94 18.29
N ASP C 392 -0.40 8.34 17.21
CA ASP C 392 -1.78 7.95 16.97
C ASP C 392 -1.90 6.60 16.29
N LYS C 393 -0.89 6.18 15.53
CA LYS C 393 -0.90 4.88 14.87
C LYS C 393 -0.45 3.74 15.78
N ILE C 394 0.05 4.05 16.97
CA ILE C 394 0.50 3.03 17.90
C ILE C 394 -0.44 2.85 19.08
N ARG C 395 -1.56 3.59 19.09
CA ARG C 395 -2.54 3.48 20.17
C ARG C 395 -3.87 2.93 19.69
N GLN C 396 -3.87 2.20 18.57
CA GLN C 396 -5.10 1.61 18.03
C GLN C 396 -4.91 0.12 17.75
N PHE C 397 -3.88 -0.21 16.96
CA PHE C 397 -3.62 -1.60 16.59
C PHE C 397 -3.14 -2.44 17.76
N ILE C 398 -2.64 -1.82 18.83
CA ILE C 398 -2.15 -2.55 19.99
C ILE C 398 -3.29 -2.97 20.90
N PHE C 399 -4.20 -2.05 21.20
CA PHE C 399 -5.31 -2.34 22.11
C PHE C 399 -6.36 -3.23 21.48
N ASP C 400 -6.42 -3.29 20.15
CA ASP C 400 -7.40 -4.16 19.50
C ASP C 400 -7.02 -5.63 19.65
N LYS C 401 -5.74 -5.92 19.86
CA LYS C 401 -5.26 -7.28 20.07
C LYS C 401 -4.75 -7.51 21.49
N LYS C 402 -4.88 -6.52 22.37
CA LYS C 402 -4.45 -6.64 23.77
C LYS C 402 -2.98 -7.00 23.88
N ILE C 403 -2.14 -6.24 23.17
CA ILE C 403 -0.70 -6.47 23.24
C ILE C 403 -0.10 -5.83 24.48
N ALA C 404 -0.39 -4.55 24.71
CA ALA C 404 0.12 -3.83 25.86
C ALA C 404 -1.01 -3.07 26.53
N ILE C 405 -0.88 -2.87 27.83
CA ILE C 405 -1.87 -2.15 28.64
C ILE C 405 -1.19 -0.94 29.26
N GLN C 406 -1.81 0.22 29.11
CA GLN C 406 -1.26 1.46 29.64
C GLN C 406 -1.46 1.55 31.15
N LYS C 407 -2.44 2.33 31.59
CA LYS C 407 -2.70 2.53 33.00
C LYS C 407 -4.13 2.14 33.38
N LYS C 408 -4.37 1.35 34.44
CA LYS C 408 -3.38 0.75 35.36
C LYS C 408 -2.41 1.74 36.01
N ASP C 409 -1.15 1.33 36.16
CA ASP C 409 -0.10 2.15 36.73
C ASP C 409 1.16 1.96 35.90
N SER C 410 2.29 2.45 36.41
CA SER C 410 3.61 2.35 35.77
C SER C 410 3.51 2.99 34.40
N SER C 411 3.86 2.30 33.31
CA SER C 411 3.80 2.88 31.98
C SER C 411 3.34 1.85 30.96
N TRP C 412 4.29 1.31 30.19
CA TRP C 412 3.99 0.34 29.15
C TRP C 412 4.57 -1.02 29.53
N PHE C 413 3.76 -2.07 29.40
CA PHE C 413 4.19 -3.43 29.70
C PHE C 413 3.42 -4.38 28.80
N PRO C 414 4.03 -5.50 28.38
CA PRO C 414 3.32 -6.44 27.51
C PRO C 414 2.31 -7.30 28.28
N VAL C 415 2.44 -8.62 28.17
CA VAL C 415 1.57 -9.59 28.83
C VAL C 415 0.14 -9.51 28.30
N HIS C 416 -0.34 -10.62 27.73
CA HIS C 416 0.43 -11.86 27.65
C HIS C 416 1.13 -12.10 26.29
N ARG C 417 0.46 -12.01 25.14
CA ARG C 417 -0.95 -11.65 24.98
C ARG C 417 -1.84 -12.88 24.85
N LYS C 418 -3.11 -12.66 24.53
CA LYS C 418 -4.07 -13.74 24.37
C LYS C 418 -3.73 -14.61 23.16
N TYR C 419 -3.88 -15.93 23.31
CA TYR C 419 -4.35 -16.53 24.55
C TYR C 419 -3.20 -17.10 25.36
N LEU C 420 -3.53 -17.84 26.43
CA LEU C 420 -2.51 -18.43 27.29
C LEU C 420 -1.90 -19.66 26.62
N ILE C 421 -2.73 -20.67 26.38
CA ILE C 421 -2.29 -21.92 25.75
C ILE C 421 -3.02 -22.05 24.43
N ARG C 422 -2.27 -21.93 23.33
CA ARG C 422 -2.85 -22.04 22.00
C ARG C 422 -1.76 -22.48 21.03
N SER C 423 -2.20 -23.14 19.95
CA SER C 423 -1.31 -23.62 18.89
C SER C 423 -0.28 -24.57 19.50
N THR C 424 0.95 -24.56 18.97
CA THR C 424 2.00 -25.44 19.45
C THR C 424 3.14 -24.56 19.93
N ASP C 425 4.32 -24.65 19.32
CA ASP C 425 5.48 -23.84 19.70
C ASP C 425 6.04 -23.01 18.56
N LEU C 426 6.07 -23.56 17.35
CA LEU C 426 6.55 -22.83 16.18
C LEU C 426 5.51 -21.88 15.60
N GLU C 427 4.22 -22.20 15.74
CA GLU C 427 3.16 -21.35 15.21
C GLU C 427 3.00 -20.06 16.01
N ILE C 428 3.47 -20.04 17.26
CA ILE C 428 3.34 -18.84 18.08
C ILE C 428 4.38 -17.80 17.68
N ILE C 429 5.63 -18.22 17.49
CA ILE C 429 6.69 -17.28 17.13
C ILE C 429 6.51 -16.77 15.70
N THR C 430 5.89 -17.57 14.83
CA THR C 430 5.68 -17.14 13.45
C THR C 430 4.75 -15.95 13.36
N ILE C 431 3.78 -15.84 14.26
CA ILE C 431 2.86 -14.71 14.23
C ILE C 431 3.59 -13.40 14.54
N TYR C 432 4.52 -13.44 15.50
CA TYR C 432 5.26 -12.23 15.85
C TYR C 432 6.24 -11.85 14.75
N ASN C 433 6.82 -12.84 14.08
CA ASN C 433 7.75 -12.56 12.98
C ASN C 433 7.03 -12.12 11.72
N SER C 434 5.71 -12.30 11.64
CA SER C 434 4.96 -11.87 10.48
C SER C 434 4.38 -10.47 10.62
N GLU C 435 4.28 -9.95 11.85
CA GLU C 435 3.77 -8.62 12.10
C GLU C 435 4.85 -7.58 12.33
N LEU C 436 6.07 -8.00 12.67
CA LEU C 436 7.17 -7.08 12.90
C LEU C 436 8.09 -6.92 11.70
N ARG C 437 8.08 -7.87 10.77
CA ARG C 437 8.94 -7.77 9.60
C ARG C 437 8.42 -6.73 8.61
N GLY C 438 7.10 -6.60 8.50
CA GLY C 438 6.52 -5.64 7.58
C GLY C 438 6.66 -4.19 8.00
N ILE C 439 7.07 -3.93 9.24
CA ILE C 439 7.25 -2.56 9.70
C ILE C 439 8.44 -1.89 9.01
N CYS C 440 9.44 -2.68 8.58
CA CYS C 440 10.59 -2.10 7.91
C CYS C 440 10.21 -1.48 6.57
N ASN C 441 9.16 -1.99 5.92
CA ASN C 441 8.72 -1.43 4.65
C ASN C 441 8.05 -0.07 4.82
N TYR C 442 7.45 0.19 5.98
CA TYR C 442 6.78 1.46 6.25
C TYR C 442 7.65 2.36 7.13
N TYR C 443 7.94 1.93 8.35
CA TYR C 443 8.74 2.70 9.29
C TYR C 443 10.21 2.31 9.20
N GLY C 444 10.77 2.49 8.01
CA GLY C 444 12.16 2.15 7.76
C GLY C 444 13.08 3.36 7.78
N LEU C 445 12.50 4.55 7.98
CA LEU C 445 13.27 5.79 8.01
C LEU C 445 12.52 6.79 8.88
N ALA C 446 13.11 7.14 10.02
CA ALA C 446 12.50 8.10 10.94
C ALA C 446 13.59 8.77 11.75
N SER C 447 13.43 10.07 11.98
CA SER C 447 14.40 10.82 12.76
C SER C 447 14.33 10.47 14.24
N ASN C 448 13.13 10.15 14.75
CA ASN C 448 12.95 9.79 16.16
C ASN C 448 13.41 8.34 16.34
N PHE C 449 14.70 8.19 16.60
CA PHE C 449 15.26 6.86 16.79
C PHE C 449 15.01 6.31 18.19
N ASN C 450 14.88 7.19 19.19
CA ASN C 450 14.65 6.73 20.55
C ASN C 450 13.26 6.15 20.73
N GLN C 451 12.31 6.54 19.86
CA GLN C 451 10.96 6.00 19.96
C GLN C 451 10.90 4.54 19.50
N LEU C 452 11.70 4.18 18.50
CA LEU C 452 11.69 2.80 18.02
C LEU C 452 12.34 1.85 19.03
N ASN C 453 13.23 2.37 19.88
CA ASN C 453 13.87 1.52 20.88
C ASN C 453 12.91 1.20 22.03
N TYR C 454 12.03 2.13 22.37
CA TYR C 454 11.07 1.88 23.45
C TYR C 454 9.96 0.93 23.01
N PHE C 455 9.65 0.91 21.70
CA PHE C 455 8.61 0.02 21.21
C PHE C 455 9.07 -1.44 21.22
N ALA C 456 10.38 -1.68 21.14
CA ALA C 456 10.90 -3.04 21.16
C ALA C 456 10.76 -3.69 22.53
N TYR C 457 10.59 -2.89 23.59
CA TYR C 457 10.46 -3.46 24.93
C TYR C 457 9.12 -4.18 25.10
N LEU C 458 8.11 -3.82 24.30
CA LEU C 458 6.80 -4.45 24.38
C LEU C 458 6.66 -5.68 23.48
N MET C 459 7.68 -5.98 22.67
CA MET C 459 7.64 -7.12 21.78
C MET C 459 8.63 -8.22 22.13
N GLU C 460 9.74 -7.89 22.79
CA GLU C 460 10.71 -8.91 23.16
C GLU C 460 10.22 -9.77 24.32
N TYR C 461 9.31 -9.24 25.14
CA TYR C 461 8.77 -9.97 26.28
C TYR C 461 7.38 -10.53 26.03
N SER C 462 6.67 -10.02 25.02
CA SER C 462 5.33 -10.54 24.73
C SER C 462 5.38 -11.87 23.99
N CYS C 463 6.34 -12.05 23.09
CA CYS C 463 6.44 -13.31 22.37
C CYS C 463 6.94 -14.45 23.25
N LEU C 464 7.76 -14.12 24.26
CA LEU C 464 8.27 -15.15 25.16
C LEU C 464 7.29 -15.48 26.28
N LYS C 465 6.44 -14.54 26.65
CA LYS C 465 5.47 -14.79 27.73
C LYS C 465 4.43 -15.80 27.29
N THR C 466 4.03 -15.78 26.01
CA THR C 466 3.06 -16.74 25.51
C THR C 466 3.61 -18.16 25.47
N ILE C 467 4.92 -18.32 25.29
CA ILE C 467 5.52 -19.64 25.27
C ILE C 467 5.63 -20.21 26.68
N ALA C 468 6.06 -19.38 27.64
CA ALA C 468 6.20 -19.85 29.02
C ALA C 468 4.84 -20.12 29.66
N SER C 469 3.79 -19.44 29.18
CA SER C 469 2.46 -19.65 29.73
C SER C 469 1.84 -20.97 29.26
N LYS C 470 2.33 -21.54 28.16
CA LYS C 470 1.80 -22.81 27.68
C LYS C 470 2.25 -23.97 28.57
N HIS C 471 3.49 -23.94 29.03
CA HIS C 471 4.02 -24.98 29.90
C HIS C 471 3.74 -24.72 31.37
N LYS C 472 3.27 -23.52 31.72
CA LYS C 472 2.97 -23.14 33.11
C LYS C 472 4.24 -23.29 33.94
N GLY C 473 4.11 -23.76 35.18
CA GLY C 473 5.25 -23.94 36.05
C GLY C 473 5.29 -25.30 36.73
N THR C 474 4.67 -26.30 36.10
CA THR C 474 4.62 -27.65 36.64
C THR C 474 5.45 -28.64 35.83
N LEU C 475 6.30 -28.15 34.92
CA LEU C 475 7.14 -28.97 34.07
C LEU C 475 8.62 -28.69 34.41
N SER C 476 9.49 -28.88 33.42
CA SER C 476 10.93 -28.65 33.62
C SER C 476 11.29 -27.21 33.29
N LYS C 477 12.51 -26.99 32.82
CA LYS C 477 13.00 -25.67 32.46
C LYS C 477 13.07 -25.52 30.95
N THR C 478 13.45 -24.32 30.51
CA THR C 478 13.59 -24.01 29.09
C THR C 478 15.04 -23.71 28.75
N ILE C 479 15.37 -23.83 27.47
CA ILE C 479 16.71 -23.59 26.96
C ILE C 479 16.64 -22.41 26.01
N SER C 480 17.40 -21.37 26.31
CA SER C 480 17.44 -20.18 25.48
C SER C 480 18.80 -19.49 25.65
N MET C 481 19.04 -18.49 24.81
CA MET C 481 20.30 -17.75 24.86
C MET C 481 20.02 -16.25 24.99
N PHE C 482 20.97 -15.43 24.54
CA PHE C 482 20.83 -13.97 24.55
C PHE C 482 20.68 -13.50 23.11
N LYS C 483 19.59 -12.77 22.84
CA LYS C 483 19.30 -12.25 21.51
C LYS C 483 19.55 -10.74 21.41
N ASP C 484 20.39 -10.20 22.28
CA ASP C 484 20.69 -8.77 22.26
C ASP C 484 21.57 -8.33 21.07
N GLY C 485 22.70 -8.97 20.78
CA GLY C 485 23.25 -10.11 21.49
C GLY C 485 24.61 -10.55 20.97
N SER C 486 24.60 -11.63 20.18
CA SER C 486 25.82 -12.20 19.60
C SER C 486 26.87 -12.53 20.66
N GLY C 487 26.77 -13.71 21.25
CA GLY C 487 25.72 -14.66 20.91
C GLY C 487 26.21 -15.80 20.04
N SER C 488 25.62 -16.98 20.23
CA SER C 488 24.56 -17.18 21.23
C SER C 488 25.06 -18.03 22.40
N TRP C 489 25.16 -17.42 23.57
CA TRP C 489 25.63 -18.11 24.77
C TRP C 489 24.67 -17.78 25.91
N GLY C 490 25.03 -18.22 27.12
CA GLY C 490 24.21 -17.96 28.28
C GLY C 490 22.99 -18.84 28.36
N ILE C 491 23.01 -19.83 29.25
CA ILE C 491 21.89 -20.75 29.43
C ILE C 491 21.23 -20.47 30.77
N PRO C 492 20.16 -19.69 30.81
CA PRO C 492 19.50 -19.40 32.09
C PRO C 492 18.68 -20.59 32.57
N TYR C 493 18.49 -20.64 33.89
CA TYR C 493 17.73 -21.70 34.55
C TYR C 493 16.49 -21.07 35.18
N GLU C 494 15.39 -21.10 34.45
CA GLU C 494 14.12 -20.55 34.92
C GLU C 494 12.99 -21.54 34.63
N ILE C 495 11.90 -21.38 35.35
CA ILE C 495 10.73 -22.23 35.21
C ILE C 495 9.58 -21.48 34.53
N LYS C 496 9.26 -20.29 35.03
CA LYS C 496 8.19 -19.48 34.45
C LYS C 496 8.71 -18.65 33.27
N GLN C 497 8.61 -17.33 33.38
CA GLN C 497 9.03 -16.41 32.33
C GLN C 497 10.03 -15.41 32.91
N GLY C 498 11.18 -15.30 32.27
CA GLY C 498 12.20 -14.37 32.69
C GLY C 498 13.19 -14.97 33.68
N LYS C 499 14.40 -14.43 33.66
CA LYS C 499 15.45 -14.88 34.57
C LYS C 499 16.37 -13.72 34.92
N GLN C 500 16.93 -13.06 33.90
CA GLN C 500 17.81 -11.92 34.13
C GLN C 500 17.58 -10.84 33.08
N ARG C 501 18.14 -11.02 31.88
CA ARG C 501 18.01 -10.08 30.78
C ARG C 501 17.83 -10.87 29.47
N ARG C 502 16.64 -11.44 29.30
CA ARG C 502 16.33 -12.21 28.10
C ARG C 502 16.05 -11.28 26.92
N VAL C 525 18.88 7.28 8.39
CA VAL C 525 19.21 8.60 7.88
C VAL C 525 18.93 8.68 6.39
N LEU C 526 19.44 7.70 5.64
CA LEU C 526 19.25 7.64 4.19
C LEU C 526 18.02 6.82 3.82
N TYR C 527 18.04 5.53 4.13
CA TYR C 527 16.91 4.65 3.81
C TYR C 527 16.16 3.98 5.00
N GLY C 528 16.80 3.61 6.12
CA GLY C 528 18.22 3.75 6.38
C GLY C 528 18.71 2.89 7.54
N TYR C 529 19.06 3.54 8.65
CA TYR C 529 19.56 2.84 9.83
C TYR C 529 18.45 2.27 10.69
N ALA C 530 17.19 2.61 10.43
CA ALA C 530 16.08 2.11 11.22
C ALA C 530 15.87 0.61 11.06
N ARG C 531 16.47 0.00 10.04
CA ARG C 531 16.34 -1.44 9.86
C ARG C 531 17.09 -2.21 10.95
N ASN C 532 18.12 -1.59 11.54
CA ASN C 532 18.87 -2.25 12.61
C ASN C 532 18.06 -2.41 13.88
N THR C 533 16.98 -1.64 14.03
CA THR C 533 16.14 -1.77 15.22
C THR C 533 15.47 -3.14 15.30
N LEU C 534 15.06 -3.69 14.15
CA LEU C 534 14.45 -5.02 14.13
C LEU C 534 15.47 -6.13 14.34
N GLU C 535 16.76 -5.86 14.11
CA GLU C 535 17.78 -6.88 14.30
C GLU C 535 18.13 -7.07 15.77
N ASN C 536 17.94 -6.03 16.60
CA ASN C 536 18.23 -6.16 18.02
C ASN C 536 17.22 -7.03 18.74
N ARG C 537 16.01 -7.18 18.20
CA ARG C 537 14.98 -8.00 18.84
C ARG C 537 15.29 -9.48 18.67
N LEU C 538 14.72 -10.11 17.64
CA LEU C 538 14.94 -11.51 17.34
C LEU C 538 15.56 -11.62 15.97
N LYS C 539 16.88 -11.83 15.92
CA LYS C 539 17.61 -11.94 14.66
C LYS C 539 17.90 -13.40 14.29
N ALA C 540 18.61 -14.13 15.13
CA ALA C 540 18.97 -15.51 14.84
C ALA C 540 19.40 -16.20 16.12
N LYS C 541 18.72 -17.29 16.48
CA LYS C 541 19.09 -18.05 17.68
C LYS C 541 19.10 -19.56 17.43
N CYS C 542 20.09 -20.07 16.70
CA CYS C 542 21.15 -19.26 16.09
C CYS C 542 21.41 -19.75 14.67
N CYS C 543 20.36 -19.76 13.86
CA CYS C 543 20.41 -20.31 12.51
C CYS C 543 21.00 -19.33 11.50
N GLU C 544 20.52 -18.08 11.51
CA GLU C 544 20.94 -17.07 10.55
C GLU C 544 20.70 -17.52 9.12
N LEU C 545 19.46 -17.36 8.64
CA LEU C 545 19.11 -17.77 7.28
C LEU C 545 18.33 -16.67 6.57
N CYS C 546 17.32 -16.11 7.24
CA CYS C 546 16.48 -15.08 6.66
C CYS C 546 16.20 -13.91 7.59
N GLY C 547 15.96 -14.15 8.87
CA GLY C 547 15.70 -13.07 9.80
C GLY C 547 14.89 -13.48 11.02
N THR C 548 14.34 -14.68 10.99
CA THR C 548 13.53 -15.17 12.09
C THR C 548 14.36 -16.07 13.01
N SER C 549 13.81 -16.35 14.19
CA SER C 549 14.49 -17.17 15.17
C SER C 549 13.47 -17.76 16.14
N ASP C 550 13.74 -18.97 16.61
CA ASP C 550 12.87 -19.65 17.56
C ASP C 550 13.65 -20.02 18.81
N GLU C 551 13.28 -21.13 19.45
CA GLU C 551 13.95 -21.60 20.65
C GLU C 551 14.65 -22.93 20.38
N ASN C 552 15.63 -23.25 21.23
CA ASN C 552 16.38 -24.48 21.08
C ASN C 552 15.54 -25.72 21.35
N THR C 553 14.40 -25.56 22.04
CA THR C 553 13.51 -26.67 22.38
C THR C 553 12.30 -26.74 21.46
N SER C 554 12.47 -26.35 20.19
CA SER C 554 11.35 -26.34 19.26
C SER C 554 11.82 -26.67 17.84
N TYR C 555 13.11 -26.89 17.67
CA TYR C 555 13.65 -27.22 16.36
C TYR C 555 13.41 -28.68 16.02
N GLU C 556 13.31 -28.97 14.72
CA GLU C 556 13.07 -30.33 14.24
C GLU C 556 14.35 -30.88 13.62
N ILE C 557 14.72 -32.10 14.00
CA ILE C 557 15.93 -32.73 13.49
C ILE C 557 15.73 -33.08 12.02
N HIS C 558 16.52 -32.47 11.15
CA HIS C 558 16.44 -32.72 9.72
C HIS C 558 17.83 -32.50 9.11
N HIS C 559 17.88 -32.30 7.80
CA HIS C 559 19.13 -32.08 7.09
C HIS C 559 19.00 -30.86 6.19
N VAL C 560 20.13 -30.44 5.63
CA VAL C 560 20.13 -29.27 4.76
C VAL C 560 19.55 -29.63 3.40
N ASN C 561 20.04 -30.71 2.79
CA ASN C 561 19.56 -31.15 1.49
C ASN C 561 18.20 -31.84 1.60
N ARG C 581 30.63 -29.66 8.40
CA ARG C 581 29.41 -28.88 8.25
C ARG C 581 28.38 -29.64 7.43
N LYS C 582 28.15 -30.91 7.78
CA LYS C 582 27.19 -31.72 7.05
C LYS C 582 25.75 -31.36 7.43
N THR C 583 25.44 -31.40 8.72
CA THR C 583 24.11 -31.07 9.21
C THR C 583 24.22 -30.18 10.43
N LEU C 584 23.10 -29.52 10.77
CA LEU C 584 23.06 -28.63 11.92
C LEU C 584 21.61 -28.50 12.38
N VAL C 585 21.41 -28.55 13.70
CA VAL C 585 20.08 -28.44 14.27
C VAL C 585 19.56 -27.02 14.06
N VAL C 586 18.77 -26.84 13.00
CA VAL C 586 18.21 -25.53 12.68
C VAL C 586 16.69 -25.61 12.67
N CYS C 587 16.03 -24.50 12.40
CA CYS C 587 14.57 -24.46 12.38
C CYS C 587 14.05 -24.97 11.04
N PHE C 588 12.75 -25.28 11.02
CA PHE C 588 12.10 -25.79 9.81
C PHE C 588 10.62 -25.43 9.91
N HIS C 589 10.21 -24.41 9.15
CA HIS C 589 8.82 -23.96 9.16
C HIS C 589 8.45 -23.32 7.83
N CYS C 590 9.20 -22.28 7.44
CA CYS C 590 8.94 -21.58 6.19
C CYS C 590 9.73 -22.17 5.02
N HIS C 591 10.97 -22.57 5.25
CA HIS C 591 11.81 -23.14 4.21
C HIS C 591 12.83 -24.10 4.79
N ARG C 592 13.29 -25.02 4.13
#